data_5H8Q
#
_entry.id   5H8Q
#
_cell.length_a   54.729
_cell.length_b   90.048
_cell.length_c   125.198
_cell.angle_alpha   90.00
_cell.angle_beta   90.00
_cell.angle_gamma   90.00
#
_symmetry.space_group_name_H-M   'P 21 21 21'
#
loop_
_entity.id
_entity.type
_entity.pdbx_description
1 polymer 'Glutamate receptor ionotropic, NMDA 2A,Glutamate receptor ionotropic, NMDA 2A'
2 polymer 'Glutamate receptor ionotropic, NMDA 1,Glutamate receptor ionotropic, NMDA 1'
3 non-polymer 'ACETATE ION'
4 non-polymer 'GLUTAMIC ACID'
5 non-polymer GLYCINE
6 non-polymer 6-[[ethyl-(4-fluorophenyl)amino]methyl]-2,3-dihydro-1~{H}-cyclopenta[3,4][1,3]thiazolo[1,4-~{a}]pyrimidin-8-one
7 water water
#
loop_
_entity_poly.entity_id
_entity_poly.type
_entity_poly.pdbx_seq_one_letter_code
_entity_poly.pdbx_strand_id
1 'polypeptide(L)'
;GSPDDNHLSIVTLEEAPFVIVEDIDPLTETCVRNTVPCRKFVKINNSTNEGMNVKKCCKGFCIDILKKLSRTVKFTYDLY
LVTNGKHGKKVNNVWNGMIGEVVYQRAVMAVGSLTINEERSEVVDFSVPFVETGISVMVSRGTQVTGLSDKKFQRPHDYS
PPFRFGTVPNGSTERNIRNNYPYMHQYMTKFNQKGVEDALVSLKTGKLDAFIYDAAVLNYKAGRDEGCKLVTIGSGYIFA
TTGYGIALQKGSPWKRQIDLALLQFVGDGEMEELETLWLTGICHN
;
A
2 'polypeptide(L)'
;GSMSTRLKIVTIHQEPFVYVKPTLSDGTCKEEFTVNGDPVKKVICTGPNDTSPGSPRHTVPQCCYGFCIDLLIKLARTMN
FTYEVHLVADGKFGTQERVNNSNKKEWNGMMGELLSGQADMIVAPLTINNERAQYIEFSKPFKYQGLTILVKKGTRITGI
NDPRLRNPSDKFIYATVKQSSVDIYFRRQVELSTMYRHMEKHNYESAAEAIQAVRDNKLHAFIWDSAVLEFEASQKCDLV
TTGELFFRSGFGIGMRKDSPWKQNVSLSILKSHENGFMEDLDKTWVRYQECDS
;
B
#
loop_
_chem_comp.id
_chem_comp.type
_chem_comp.name
_chem_comp.formula
5YE non-polymer 6-[[ethyl-(4-fluorophenyl)amino]methyl]-2,3-dihydro-1~{H}-cyclopenta[3,4][1,3]thiazolo[1,4-~{a}]pyrimidin-8-one 'C18 H18 F N3 O S'
ACT non-polymer 'ACETATE ION' 'C2 H3 O2 -1'
#
# COMPACT_ATOMS: atom_id res chain seq x y z
N ASN A 6 5.29 -12.38 27.55
CA ASN A 6 5.87 -11.80 26.33
C ASN A 6 6.85 -12.77 25.58
N HIS A 7 6.72 -14.09 25.80
CA HIS A 7 7.49 -15.09 25.05
C HIS A 7 6.45 -15.63 24.07
N LEU A 8 6.60 -15.30 22.79
CA LEU A 8 5.54 -15.59 21.82
C LEU A 8 5.84 -16.71 20.82
N SER A 9 4.82 -17.54 20.56
CA SER A 9 4.92 -18.60 19.55
C SER A 9 4.72 -17.90 18.19
N ILE A 10 5.72 -17.96 17.30
CA ILE A 10 5.62 -17.30 16.00
C ILE A 10 5.80 -18.31 14.87
N VAL A 11 4.92 -18.27 13.86
CA VAL A 11 5.01 -19.18 12.70
C VAL A 11 5.57 -18.46 11.45
N THR A 12 6.37 -19.20 10.67
CA THR A 12 6.92 -18.73 9.41
C THR A 12 6.88 -19.84 8.36
N LEU A 13 7.30 -19.50 7.15
CA LEU A 13 7.33 -20.42 6.01
C LEU A 13 8.47 -19.99 5.14
N GLU A 14 9.22 -20.95 4.59
CA GLU A 14 10.36 -20.64 3.75
C GLU A 14 9.89 -20.15 2.37
N GLU A 15 10.39 -19.00 1.96
CA GLU A 15 10.19 -18.41 0.64
C GLU A 15 11.29 -17.35 0.43
N ALA A 16 12.41 -17.74 -0.21
CA ALA A 16 13.52 -16.79 -0.46
C ALA A 16 13.07 -15.58 -1.30
N PRO A 17 13.54 -14.34 -0.99
CA PRO A 17 14.53 -13.96 0.04
C PRO A 17 13.87 -13.48 1.33
N PHE A 18 12.54 -13.71 1.49
CA PHE A 18 11.77 -13.23 2.65
C PHE A 18 12.10 -14.03 3.88
N VAL A 19 12.11 -15.35 3.71
CA VAL A 19 12.45 -16.33 4.77
C VAL A 19 13.28 -17.40 4.07
N ILE A 20 14.50 -17.62 4.55
CA ILE A 20 15.50 -18.56 4.05
C ILE A 20 15.88 -19.48 5.21
N VAL A 21 15.79 -20.80 5.00
CA VAL A 21 16.06 -21.81 6.03
C VAL A 21 17.41 -22.47 5.74
N GLU A 22 18.22 -22.63 6.79
CA GLU A 22 19.55 -23.26 6.72
C GLU A 22 19.74 -24.30 7.82
N ASP A 23 20.65 -25.25 7.58
CA ASP A 23 20.97 -26.27 8.57
C ASP A 23 21.81 -25.63 9.65
N ILE A 24 21.61 -26.05 10.91
CA ILE A 24 22.36 -25.54 12.07
C ILE A 24 23.85 -25.95 11.99
N ASP A 25 24.74 -25.14 12.62
CA ASP A 25 26.21 -25.29 12.66
C ASP A 25 26.70 -26.60 13.37
N PRO A 26 27.99 -27.02 13.20
CA PRO A 26 28.45 -28.23 13.93
C PRO A 26 28.96 -27.88 15.32
N GLU A 29 26.88 -26.13 17.86
CA GLU A 29 25.63 -26.56 17.20
C GLU A 29 24.47 -25.56 17.44
N THR A 30 24.74 -24.27 17.16
CA THR A 30 23.84 -23.12 17.36
C THR A 30 23.70 -22.25 16.08
N CYS A 31 22.83 -21.22 16.13
CA CYS A 31 22.61 -20.31 15.00
C CYS A 31 23.49 -19.08 15.12
N VAL A 32 24.35 -18.87 14.12
CA VAL A 32 25.30 -17.74 14.07
C VAL A 32 24.93 -16.69 13.02
N ARG A 33 25.74 -15.60 12.96
CA ARG A 33 25.62 -14.49 12.00
C ARG A 33 24.27 -13.78 12.06
N ASN A 34 23.65 -13.53 10.88
CA ASN A 34 22.36 -12.86 10.73
C ASN A 34 21.16 -13.85 10.82
N THR A 35 21.39 -15.07 11.37
CA THR A 35 20.33 -16.06 11.49
C THR A 35 19.72 -16.10 12.89
N VAL A 36 18.50 -16.66 12.99
CA VAL A 36 17.77 -16.86 14.25
C VAL A 36 17.33 -18.31 14.31
N PRO A 37 17.25 -18.92 15.52
CA PRO A 37 16.79 -20.32 15.59
C PRO A 37 15.33 -20.46 15.16
N CYS A 38 15.04 -21.51 14.41
CA CYS A 38 13.69 -21.84 13.97
C CYS A 38 13.59 -23.32 13.90
N ARG A 39 12.49 -23.87 14.37
CA ARG A 39 12.32 -25.31 14.38
C ARG A 39 11.28 -25.80 13.38
N LYS A 40 11.42 -27.04 13.01
CA LYS A 40 10.52 -27.68 12.06
C LYS A 40 10.22 -29.08 12.55
N PHE A 41 8.94 -29.38 12.69
CA PHE A 41 8.46 -30.69 13.08
C PHE A 41 8.61 -31.63 11.87
N VAL A 42 9.35 -32.74 12.05
CA VAL A 42 9.65 -33.71 10.98
C VAL A 42 9.21 -35.09 11.43
N LYS A 43 8.36 -35.75 10.64
CA LYS A 43 7.82 -37.07 10.99
C LYS A 43 8.91 -38.14 11.01
N ILE A 44 8.75 -39.16 11.86
CA ILE A 44 9.70 -40.26 11.90
C ILE A 44 9.43 -41.16 10.69
N ASN A 45 8.14 -41.41 10.40
CA ASN A 45 7.70 -42.23 9.27
C ASN A 45 6.23 -41.92 8.93
N ASN A 46 5.66 -42.61 7.93
CA ASN A 46 4.27 -42.40 7.48
C ASN A 46 3.23 -43.29 8.11
N SER A 47 3.65 -44.14 9.06
CA SER A 47 2.73 -45.05 9.76
C SER A 47 2.63 -44.61 11.21
N THR A 48 3.03 -43.35 11.49
CA THR A 48 3.03 -42.81 12.83
C THR A 48 2.75 -41.32 12.83
N ASN A 49 2.31 -40.81 13.98
CA ASN A 49 2.12 -39.37 14.18
C ASN A 49 3.34 -38.81 14.90
N GLU A 50 4.29 -39.71 15.27
CA GLU A 50 5.53 -39.38 15.97
C GLU A 50 6.44 -38.54 15.07
N GLY A 51 7.08 -37.57 15.68
CA GLY A 51 8.01 -36.71 14.96
C GLY A 51 8.94 -35.98 15.90
N MET A 52 9.91 -35.28 15.32
CA MET A 52 10.90 -34.51 16.07
C MET A 52 10.92 -33.10 15.62
N ASN A 53 11.12 -32.19 16.56
CA ASN A 53 11.35 -30.80 16.20
C ASN A 53 12.83 -30.78 15.87
N VAL A 54 13.16 -30.36 14.65
CA VAL A 54 14.51 -30.25 14.16
C VAL A 54 14.87 -28.77 14.29
N LYS A 55 16.01 -28.51 14.90
CA LYS A 55 16.55 -27.16 15.08
C LYS A 55 17.24 -26.75 13.78
N LYS A 56 16.75 -25.66 13.17
CA LYS A 56 17.26 -25.09 11.93
C LYS A 56 17.56 -23.61 12.19
N CYS A 57 18.07 -22.89 11.19
CA CYS A 57 18.36 -21.47 11.31
C CYS A 57 17.66 -20.74 10.20
N CYS A 58 17.07 -19.60 10.52
CA CYS A 58 16.28 -18.78 9.59
C CYS A 58 16.90 -17.40 9.42
N LYS A 59 16.84 -16.88 8.20
CA LYS A 59 17.30 -15.52 7.89
C LYS A 59 16.43 -14.94 6.75
N GLY A 60 16.65 -13.69 6.39
CA GLY A 60 15.91 -13.12 5.27
C GLY A 60 15.28 -11.80 5.61
N PHE A 61 14.65 -11.19 4.60
CA PHE A 61 14.00 -9.89 4.77
C PHE A 61 12.99 -9.88 5.95
N CYS A 62 12.06 -10.87 5.99
CA CYS A 62 11.03 -10.93 7.04
C CYS A 62 11.61 -11.26 8.43
N ILE A 63 12.73 -12.01 8.45
CA ILE A 63 13.41 -12.34 9.71
C ILE A 63 14.07 -11.09 10.29
N ASP A 64 14.68 -10.26 9.44
CA ASP A 64 15.26 -8.99 9.92
C ASP A 64 14.16 -8.09 10.48
N ILE A 65 12.95 -8.09 9.86
CA ILE A 65 11.81 -7.32 10.37
C ILE A 65 11.42 -7.88 11.76
N LEU A 66 11.35 -9.22 11.89
CA LEU A 66 11.01 -9.85 13.18
C LEU A 66 12.02 -9.45 14.26
N LYS A 67 13.32 -9.46 13.93
CA LYS A 67 14.39 -9.07 14.87
C LYS A 67 14.22 -7.62 15.34
N LYS A 68 13.86 -6.71 14.44
CA LYS A 68 13.60 -5.31 14.75
C LYS A 68 12.32 -5.15 15.61
N LEU A 69 11.25 -5.89 15.29
CA LEU A 69 10.02 -5.86 16.07
C LEU A 69 10.23 -6.40 17.49
N SER A 70 10.97 -7.52 17.62
CA SER A 70 11.26 -8.14 18.92
CA SER A 70 11.24 -8.13 18.93
C SER A 70 11.94 -7.13 19.87
N ARG A 71 12.93 -6.40 19.35
CA ARG A 71 13.68 -5.40 20.09
C ARG A 71 12.82 -4.15 20.46
N THR A 72 12.10 -3.54 19.49
CA THR A 72 11.27 -2.34 19.69
C THR A 72 9.99 -2.60 20.52
N VAL A 73 9.25 -3.65 20.17
CA VAL A 73 7.98 -4.02 20.84
C VAL A 73 8.25 -4.76 22.19
N LYS A 74 9.49 -5.23 22.38
CA LYS A 74 9.98 -5.91 23.60
C LYS A 74 9.28 -7.26 23.87
N PHE A 75 9.54 -8.22 22.97
CA PHE A 75 9.03 -9.59 23.17
C PHE A 75 10.17 -10.51 22.78
N THR A 76 10.11 -11.76 23.23
CA THR A 76 11.05 -12.80 22.80
C THR A 76 10.11 -13.78 22.08
N TYR A 77 10.68 -14.78 21.39
CA TYR A 77 9.84 -15.66 20.59
C TYR A 77 10.44 -17.04 20.37
N ASP A 78 9.57 -17.98 19.98
CA ASP A 78 9.91 -19.36 19.61
C ASP A 78 9.40 -19.46 18.18
N LEU A 79 10.31 -19.34 17.24
CA LEU A 79 10.00 -19.36 15.81
C LEU A 79 9.91 -20.80 15.28
N TYR A 80 8.81 -21.12 14.57
CA TYR A 80 8.63 -22.44 13.99
C TYR A 80 8.10 -22.39 12.55
N LEU A 81 8.45 -23.41 11.76
CA LEU A 81 8.04 -23.54 10.36
C LEU A 81 6.75 -24.32 10.26
N VAL A 82 5.76 -23.77 9.55
CA VAL A 82 4.45 -24.42 9.38
C VAL A 82 4.64 -25.75 8.64
N THR A 83 3.90 -26.79 9.04
CA THR A 83 4.02 -28.10 8.35
C THR A 83 2.70 -28.57 7.77
N ASN A 84 1.59 -27.92 8.16
CA ASN A 84 0.25 -28.26 7.67
C ASN A 84 -0.12 -27.22 6.62
N GLY A 85 0.27 -27.46 5.38
CA GLY A 85 0.01 -26.52 4.29
C GLY A 85 1.06 -25.41 4.21
N LYS A 86 0.73 -24.31 3.55
CA LYS A 86 1.74 -23.26 3.34
C LYS A 86 1.28 -21.89 3.88
N HIS A 87 0.96 -20.93 3.01
CA HIS A 87 0.54 -19.58 3.40
C HIS A 87 -0.80 -19.59 4.10
N GLY A 88 -1.80 -20.22 3.48
CA GLY A 88 -3.13 -20.31 4.07
C GLY A 88 -4.20 -20.52 3.03
N LYS A 89 -4.98 -21.59 3.21
CA LYS A 89 -6.12 -21.94 2.35
C LYS A 89 -7.22 -22.50 3.24
N LYS A 90 -8.47 -22.08 2.97
CA LYS A 90 -9.65 -22.57 3.66
C LYS A 90 -10.11 -23.82 2.92
N VAL A 91 -10.02 -24.99 3.56
CA VAL A 91 -10.40 -26.26 2.94
C VAL A 91 -11.55 -26.82 3.79
N ASN A 92 -12.72 -27.02 3.15
CA ASN A 92 -13.93 -27.50 3.85
C ASN A 92 -14.21 -26.62 5.06
N ASN A 93 -14.06 -25.28 4.87
CA ASN A 93 -14.29 -24.24 5.89
C ASN A 93 -13.27 -24.26 7.05
N VAL A 94 -12.12 -24.96 6.90
CA VAL A 94 -11.06 -25.02 7.94
C VAL A 94 -9.73 -24.44 7.36
N TRP A 95 -9.19 -23.40 8.00
CA TRP A 95 -7.95 -22.77 7.54
C TRP A 95 -6.70 -23.61 7.83
N ASN A 96 -5.86 -23.83 6.81
CA ASN A 96 -4.58 -24.51 7.04
C ASN A 96 -3.46 -23.45 6.90
N GLY A 97 -2.21 -23.91 6.89
CA GLY A 97 -1.03 -23.07 6.69
C GLY A 97 -0.79 -22.06 7.80
N MET A 98 -0.06 -20.99 7.51
CA MET A 98 0.24 -19.94 8.49
C MET A 98 -1.01 -19.31 9.07
N ILE A 99 -2.02 -19.01 8.23
CA ILE A 99 -3.30 -18.44 8.65
C ILE A 99 -3.98 -19.36 9.69
N GLY A 100 -4.02 -20.66 9.39
CA GLY A 100 -4.61 -21.66 10.29
C GLY A 100 -3.94 -21.70 11.64
N GLU A 101 -2.59 -21.59 11.67
CA GLU A 101 -1.83 -21.62 12.92
C GLU A 101 -2.27 -20.46 13.82
N VAL A 102 -2.49 -19.28 13.24
CA VAL A 102 -2.93 -18.09 13.97
C VAL A 102 -4.42 -18.25 14.40
N VAL A 103 -5.32 -18.58 13.45
CA VAL A 103 -6.77 -18.78 13.68
C VAL A 103 -7.00 -19.75 14.85
N TYR A 104 -6.27 -20.88 14.87
CA TYR A 104 -6.44 -21.91 15.89
C TYR A 104 -5.52 -21.76 17.10
N GLN A 105 -4.94 -20.56 17.27
CA GLN A 105 -4.15 -20.13 18.42
C GLN A 105 -2.91 -20.96 18.73
N ARG A 106 -2.28 -21.52 17.69
CA ARG A 106 -1.00 -22.22 17.89
C ARG A 106 0.15 -21.20 17.77
N ALA A 107 -0.13 -20.06 17.17
CA ALA A 107 0.85 -19.00 16.97
C ALA A 107 0.16 -17.70 17.32
N VAL A 108 0.91 -16.79 17.96
CA VAL A 108 0.47 -15.45 18.32
C VAL A 108 0.52 -14.62 17.02
N MET A 109 1.51 -14.90 16.17
CA MET A 109 1.61 -14.18 14.90
C MET A 109 2.28 -15.02 13.81
N ALA A 110 2.05 -14.62 12.55
CA ALA A 110 2.66 -15.28 11.37
C ALA A 110 3.45 -14.21 10.60
N VAL A 111 4.71 -14.50 10.33
CA VAL A 111 5.58 -13.56 9.62
CA VAL A 111 5.67 -13.59 9.69
C VAL A 111 6.23 -14.27 8.43
N GLY A 112 6.17 -13.61 7.30
CA GLY A 112 6.71 -14.18 6.09
C GLY A 112 6.13 -13.46 4.91
N SER A 113 6.12 -14.15 3.78
CA SER A 113 5.64 -13.60 2.52
C SER A 113 4.13 -13.89 2.50
N LEU A 114 3.42 -13.36 3.50
CA LEU A 114 1.99 -13.57 3.72
C LEU A 114 1.13 -12.46 3.18
N THR A 115 0.37 -12.77 2.10
CA THR A 115 -0.49 -11.78 1.41
C THR A 115 -1.79 -11.42 2.17
N ILE A 116 -2.02 -10.10 2.28
CA ILE A 116 -3.22 -9.59 2.93
C ILE A 116 -4.36 -9.71 1.90
N ASN A 117 -5.45 -10.40 2.27
CA ASN A 117 -6.60 -10.41 1.37
C ASN A 117 -7.89 -10.39 2.19
N GLU A 118 -9.02 -10.12 1.52
CA GLU A 118 -10.30 -10.01 2.21
C GLU A 118 -10.68 -11.23 3.02
N GLU A 119 -10.63 -12.44 2.43
CA GLU A 119 -11.08 -13.64 3.17
C GLU A 119 -10.21 -13.95 4.40
N ARG A 120 -8.88 -13.72 4.33
CA ARG A 120 -8.02 -13.94 5.48
C ARG A 120 -8.28 -12.89 6.56
N SER A 121 -8.55 -11.65 6.14
CA SER A 121 -8.84 -10.54 7.08
C SER A 121 -10.14 -10.77 7.89
N GLU A 122 -11.03 -11.64 7.40
CA GLU A 122 -12.24 -11.96 8.16
C GLU A 122 -11.90 -12.84 9.40
N VAL A 123 -10.78 -13.60 9.35
CA VAL A 123 -10.42 -14.57 10.42
C VAL A 123 -9.17 -14.20 11.23
N VAL A 124 -8.28 -13.34 10.71
CA VAL A 124 -7.09 -12.83 11.42
C VAL A 124 -7.02 -11.33 11.24
N ASP A 125 -6.31 -10.65 12.11
CA ASP A 125 -6.06 -9.22 11.93
C ASP A 125 -4.69 -9.14 11.26
N PHE A 126 -4.52 -8.22 10.31
CA PHE A 126 -3.20 -8.01 9.72
C PHE A 126 -2.64 -6.68 10.16
N SER A 127 -1.32 -6.66 10.29
CA SER A 127 -0.60 -5.42 10.52
C SER A 127 -0.69 -4.56 9.24
N VAL A 128 -0.21 -3.30 9.32
CA VAL A 128 -0.03 -2.45 8.14
C VAL A 128 0.91 -3.22 7.17
N PRO A 129 0.79 -3.02 5.83
CA PRO A 129 1.72 -3.73 4.92
C PRO A 129 3.17 -3.23 5.06
N PHE A 130 4.13 -4.14 4.96
CA PHE A 130 5.55 -3.76 5.01
C PHE A 130 6.20 -3.86 3.62
N VAL A 131 5.54 -4.55 2.68
CA VAL A 131 6.01 -4.71 1.30
C VAL A 131 4.79 -4.75 0.38
N GLU A 132 4.84 -4.03 -0.76
CA GLU A 132 3.73 -4.10 -1.71
C GLU A 132 3.74 -5.43 -2.48
N THR A 133 2.58 -6.02 -2.71
CA THR A 133 2.49 -7.21 -3.53
C THR A 133 1.15 -7.23 -4.26
N GLY A 134 0.85 -8.37 -4.85
CA GLY A 134 -0.34 -8.58 -5.63
C GLY A 134 -0.01 -9.64 -6.65
N ILE A 135 -0.53 -9.47 -7.86
CA ILE A 135 -0.31 -10.47 -8.91
C ILE A 135 0.51 -9.87 -10.04
N SER A 136 1.57 -10.57 -10.43
CA SER A 136 2.35 -10.18 -11.61
C SER A 136 2.40 -11.34 -12.61
N VAL A 137 2.80 -11.06 -13.86
CA VAL A 137 2.89 -12.07 -14.91
C VAL A 137 4.30 -12.10 -15.42
N MET A 138 4.97 -13.26 -15.28
CA MET A 138 6.32 -13.48 -15.73
C MET A 138 6.31 -14.17 -17.10
N VAL A 139 7.09 -13.63 -18.04
CA VAL A 139 7.20 -14.15 -19.41
C VAL A 139 8.65 -14.04 -19.89
N SER A 140 8.96 -14.66 -21.03
CA SER A 140 10.27 -14.50 -21.69
C SER A 140 10.20 -13.11 -22.31
N ARG A 141 11.29 -12.35 -22.25
CA ARG A 141 11.33 -10.98 -22.79
C ARG A 141 10.80 -10.94 -24.23
N GLY A 142 9.89 -10.00 -24.49
CA GLY A 142 9.28 -9.82 -25.80
C GLY A 142 7.88 -10.36 -25.97
N THR A 143 7.43 -11.28 -25.08
CA THR A 143 6.09 -11.88 -25.14
C THR A 143 5.06 -10.77 -25.06
N GLN A 144 4.13 -10.75 -26.02
CA GLN A 144 3.11 -9.71 -26.10
C GLN A 144 1.80 -10.08 -25.39
N VAL A 145 1.65 -9.58 -24.17
CA VAL A 145 0.44 -9.71 -23.34
C VAL A 145 0.13 -8.38 -22.67
N THR A 146 -1.12 -7.91 -22.80
CA THR A 146 -1.60 -6.62 -22.30
C THR A 146 -1.88 -6.58 -20.79
N GLY A 147 -1.89 -7.75 -20.15
CA GLY A 147 -2.18 -7.92 -18.74
C GLY A 147 -3.02 -9.16 -18.51
N LEU A 148 -3.66 -9.27 -17.32
CA LEU A 148 -4.53 -10.43 -17.01
C LEU A 148 -5.79 -10.43 -17.86
N SER A 149 -6.20 -9.26 -18.37
CA SER A 149 -7.36 -9.05 -19.22
C SER A 149 -7.08 -9.43 -20.69
N ASP A 150 -5.81 -9.73 -21.03
CA ASP A 150 -5.46 -10.14 -22.41
C ASP A 150 -6.32 -11.34 -22.82
N LYS A 151 -6.81 -11.35 -24.08
CA LYS A 151 -7.63 -12.44 -24.61
C LYS A 151 -6.92 -13.79 -24.57
N LYS A 152 -5.57 -13.79 -24.65
CA LYS A 152 -4.78 -15.03 -24.56
C LYS A 152 -5.05 -15.73 -23.22
N PHE A 153 -5.31 -14.94 -22.14
CA PHE A 153 -5.60 -15.47 -20.80
C PHE A 153 -7.09 -15.71 -20.59
N GLN A 154 -7.93 -14.75 -21.00
CA GLN A 154 -9.39 -14.76 -20.81
C GLN A 154 -10.09 -15.81 -21.64
N ARG A 155 -9.69 -15.95 -22.92
CA ARG A 155 -10.33 -16.90 -23.85
C ARG A 155 -9.21 -17.72 -24.50
N PRO A 156 -8.51 -18.59 -23.72
CA PRO A 156 -7.31 -19.23 -24.27
C PRO A 156 -7.50 -20.16 -25.45
N HIS A 157 -8.66 -20.79 -25.59
CA HIS A 157 -8.86 -21.71 -26.71
C HIS A 157 -9.15 -21.00 -28.03
N ASP A 158 -9.20 -19.67 -28.01
CA ASP A 158 -9.38 -18.87 -29.23
C ASP A 158 -8.04 -18.77 -30.00
N TYR A 159 -6.97 -19.46 -29.50
CA TYR A 159 -5.62 -19.45 -30.08
C TYR A 159 -5.11 -20.84 -30.42
N SER A 160 -4.48 -20.98 -31.61
CA SER A 160 -3.88 -22.23 -32.07
C SER A 160 -2.36 -22.09 -32.26
N PRO A 161 -1.54 -22.69 -31.38
CA PRO A 161 -1.92 -23.47 -30.19
C PRO A 161 -2.30 -22.54 -29.03
N PRO A 162 -3.05 -23.00 -28.02
CA PRO A 162 -3.41 -22.08 -26.92
C PRO A 162 -2.21 -21.70 -26.06
N PHE A 163 -2.22 -20.47 -25.51
CA PHE A 163 -1.19 -19.92 -24.65
C PHE A 163 -1.10 -20.83 -23.40
N ARG A 164 0.11 -21.20 -22.97
CA ARG A 164 0.27 -22.10 -21.83
C ARG A 164 0.68 -21.30 -20.61
N PHE A 165 -0.18 -21.26 -19.61
CA PHE A 165 0.16 -20.48 -18.42
C PHE A 165 -0.37 -21.11 -17.16
N GLY A 166 0.36 -20.92 -16.07
CA GLY A 166 -0.04 -21.48 -14.78
C GLY A 166 0.42 -20.67 -13.59
N THR A 167 0.00 -21.13 -12.40
CA THR A 167 0.40 -20.54 -11.12
C THR A 167 0.78 -21.69 -10.20
N VAL A 168 1.18 -21.36 -8.96
CA VAL A 168 1.42 -22.37 -7.90
C VAL A 168 0.08 -22.33 -7.16
N PRO A 169 -0.64 -23.46 -7.07
CA PRO A 169 -1.97 -23.41 -6.46
C PRO A 169 -1.97 -23.21 -4.94
N ASN A 170 -3.19 -22.97 -4.40
CA ASN A 170 -3.58 -22.93 -2.99
C ASN A 170 -3.21 -21.65 -2.23
N GLY A 171 -2.67 -20.66 -2.93
CA GLY A 171 -2.30 -19.39 -2.34
C GLY A 171 -3.21 -18.26 -2.74
N SER A 172 -2.85 -17.02 -2.39
CA SER A 172 -3.69 -15.86 -2.68
C SER A 172 -3.88 -15.62 -4.19
N THR A 173 -2.90 -15.97 -5.02
CA THR A 173 -3.00 -15.78 -6.48
C THR A 173 -4.12 -16.64 -7.07
N GLU A 174 -4.07 -17.96 -6.80
CA GLU A 174 -5.09 -18.86 -7.36
C GLU A 174 -6.50 -18.45 -6.89
N ARG A 175 -6.64 -18.07 -5.59
CA ARG A 175 -7.90 -17.61 -4.99
C ARG A 175 -8.46 -16.41 -5.79
N ASN A 176 -7.59 -15.42 -6.12
CA ASN A 176 -8.01 -14.25 -6.89
C ASN A 176 -8.47 -14.62 -8.30
N ILE A 177 -7.71 -15.49 -8.98
CA ILE A 177 -8.02 -15.94 -10.34
C ILE A 177 -9.36 -16.69 -10.34
N ARG A 178 -9.57 -17.59 -9.36
CA ARG A 178 -10.81 -18.37 -9.21
C ARG A 178 -12.02 -17.43 -9.05
N ASN A 179 -11.87 -16.39 -8.20
CA ASN A 179 -12.91 -15.39 -7.92
C ASN A 179 -13.21 -14.51 -9.13
N ASN A 180 -12.20 -14.03 -9.82
CA ASN A 180 -12.38 -13.07 -10.91
C ASN A 180 -12.54 -13.63 -12.30
N TYR A 181 -11.83 -14.72 -12.66
CA TYR A 181 -11.81 -15.23 -14.04
C TYR A 181 -12.10 -16.72 -14.07
N PRO A 182 -13.39 -17.12 -13.93
CA PRO A 182 -13.68 -18.57 -13.82
C PRO A 182 -13.15 -19.44 -14.96
N TYR A 183 -13.29 -19.00 -16.22
CA TYR A 183 -12.81 -19.81 -17.36
C TYR A 183 -11.30 -20.00 -17.36
N MET A 184 -10.57 -18.87 -17.16
CA MET A 184 -9.10 -18.84 -17.10
CA MET A 184 -9.11 -18.83 -17.11
C MET A 184 -8.65 -19.82 -16.02
N HIS A 185 -9.29 -19.77 -14.85
CA HIS A 185 -8.96 -20.63 -13.73
C HIS A 185 -9.06 -22.13 -14.09
N GLN A 186 -10.21 -22.60 -14.61
CA GLN A 186 -10.38 -24.04 -14.92
C GLN A 186 -9.44 -24.49 -16.03
N TYR A 187 -9.07 -23.57 -16.94
CA TYR A 187 -8.15 -23.86 -18.01
C TYR A 187 -6.72 -24.07 -17.46
N MET A 188 -6.28 -23.18 -16.55
CA MET A 188 -4.92 -23.11 -15.96
C MET A 188 -4.51 -24.29 -15.12
N THR A 189 -5.47 -24.97 -14.51
CA THR A 189 -5.17 -26.01 -13.52
C THR A 189 -4.27 -27.11 -14.09
N LYS A 190 -4.39 -27.45 -15.40
CA LYS A 190 -3.49 -28.43 -16.02
C LYS A 190 -2.04 -27.92 -16.06
N PHE A 191 -1.83 -26.60 -15.86
CA PHE A 191 -0.49 -25.99 -15.84
C PHE A 191 0.01 -25.63 -14.42
N ASN A 192 -0.67 -26.09 -13.36
CA ASN A 192 -0.23 -25.91 -11.95
C ASN A 192 1.22 -26.33 -11.80
N GLN A 193 2.01 -25.46 -11.16
CA GLN A 193 3.42 -25.65 -10.88
C GLN A 193 3.57 -25.98 -9.40
N LYS A 194 4.47 -26.93 -9.08
CA LYS A 194 4.71 -27.37 -7.71
C LYS A 194 5.28 -26.26 -6.83
N GLY A 195 6.08 -25.38 -7.43
CA GLY A 195 6.69 -24.24 -6.76
C GLY A 195 7.33 -23.33 -7.78
N VAL A 196 7.83 -22.16 -7.32
CA VAL A 196 8.45 -21.12 -8.15
C VAL A 196 9.63 -21.66 -8.98
N GLU A 197 10.50 -22.45 -8.35
CA GLU A 197 11.68 -23.00 -9.03
C GLU A 197 11.30 -23.87 -10.23
N ASP A 198 10.28 -24.76 -10.09
CA ASP A 198 9.76 -25.57 -11.18
C ASP A 198 9.18 -24.68 -12.28
N ALA A 199 8.40 -23.64 -11.89
CA ALA A 199 7.79 -22.72 -12.85
C ALA A 199 8.83 -21.98 -13.69
N LEU A 200 9.90 -21.48 -13.07
CA LEU A 200 10.97 -20.77 -13.78
C LEU A 200 11.71 -21.65 -14.80
N VAL A 201 11.95 -22.92 -14.44
CA VAL A 201 12.56 -23.91 -15.33
C VAL A 201 11.59 -24.16 -16.51
N SER A 202 10.27 -24.33 -16.25
CA SER A 202 9.27 -24.54 -17.29
CA SER A 202 9.29 -24.55 -17.30
C SER A 202 9.23 -23.37 -18.30
N LEU A 203 9.38 -22.12 -17.80
CA LEU A 203 9.38 -20.93 -18.64
C LEU A 203 10.66 -20.89 -19.48
N LYS A 204 11.82 -21.01 -18.83
CA LYS A 204 13.16 -20.97 -19.46
C LYS A 204 13.34 -22.03 -20.55
N THR A 205 12.69 -23.20 -20.41
CA THR A 205 12.80 -24.30 -21.39
C THR A 205 11.63 -24.37 -22.39
N GLY A 206 10.79 -23.35 -22.42
CA GLY A 206 9.66 -23.27 -23.34
C GLY A 206 8.51 -24.24 -23.12
N LYS A 207 8.38 -24.79 -21.91
CA LYS A 207 7.25 -25.70 -21.57
C LYS A 207 6.06 -24.87 -21.03
N LEU A 208 6.31 -23.58 -20.73
CA LEU A 208 5.31 -22.63 -20.24
C LEU A 208 5.51 -21.30 -20.94
N ASP A 209 4.42 -20.59 -21.26
CA ASP A 209 4.49 -19.27 -21.90
C ASP A 209 4.44 -18.12 -20.88
N ALA A 210 3.68 -18.31 -19.79
CA ALA A 210 3.55 -17.30 -18.72
C ALA A 210 3.36 -17.95 -17.36
N PHE A 211 3.92 -17.31 -16.33
CA PHE A 211 3.77 -17.77 -14.95
C PHE A 211 3.15 -16.62 -14.16
N ILE A 212 1.99 -16.88 -13.56
CA ILE A 212 1.20 -15.88 -12.82
C ILE A 212 1.41 -16.14 -11.33
N TYR A 213 1.96 -15.17 -10.61
CA TYR A 213 2.27 -15.40 -9.20
C TYR A 213 2.41 -14.08 -8.44
N ASP A 214 2.70 -14.20 -7.13
CA ASP A 214 2.99 -13.12 -6.19
C ASP A 214 3.98 -12.12 -6.77
N ALA A 215 3.54 -10.86 -6.88
CA ALA A 215 4.34 -9.75 -7.44
C ALA A 215 5.70 -9.54 -6.80
N ALA A 216 5.78 -9.46 -5.44
CA ALA A 216 7.05 -9.23 -4.75
C ALA A 216 8.08 -10.33 -5.09
N VAL A 217 7.64 -11.62 -5.11
CA VAL A 217 8.54 -12.74 -5.45
C VAL A 217 8.98 -12.65 -6.93
N LEU A 218 8.02 -12.43 -7.86
CA LEU A 218 8.31 -12.34 -9.30
C LEU A 218 9.25 -11.21 -9.65
N ASN A 219 9.07 -10.05 -9.00
CA ASN A 219 9.93 -8.89 -9.24
C ASN A 219 11.33 -9.14 -8.71
N TYR A 220 11.44 -9.84 -7.56
CA TYR A 220 12.75 -10.27 -7.05
C TYR A 220 13.40 -11.28 -8.06
N LYS A 221 12.64 -12.29 -8.52
CA LYS A 221 13.18 -13.30 -9.43
C LYS A 221 13.62 -12.72 -10.80
N ALA A 222 12.82 -11.79 -11.37
CA ALA A 222 13.13 -11.10 -12.63
C ALA A 222 14.44 -10.28 -12.48
N GLY A 223 14.63 -9.67 -11.30
CA GLY A 223 15.81 -8.88 -10.99
C GLY A 223 17.09 -9.68 -10.87
N ARG A 224 16.97 -10.99 -10.59
CA ARG A 224 18.10 -11.93 -10.40
C ARG A 224 18.24 -12.96 -11.53
N ASP A 225 17.41 -12.86 -12.58
CA ASP A 225 17.43 -13.81 -13.69
C ASP A 225 18.73 -13.75 -14.51
N GLU A 226 19.38 -14.92 -14.71
CA GLU A 226 20.62 -15.02 -15.50
C GLU A 226 20.33 -14.75 -16.97
N GLY A 227 20.92 -13.67 -17.47
CA GLY A 227 20.74 -13.21 -18.85
C GLY A 227 19.58 -12.24 -19.00
N CYS A 228 18.93 -11.84 -17.86
CA CYS A 228 17.75 -10.96 -17.80
C CYS A 228 16.67 -11.33 -18.83
N LYS A 229 16.54 -12.65 -19.09
CA LYS A 229 15.62 -13.26 -20.04
C LYS A 229 14.14 -13.25 -19.63
N LEU A 230 13.87 -13.47 -18.33
CA LEU A 230 12.51 -13.53 -17.78
C LEU A 230 12.15 -12.22 -17.13
N VAL A 231 11.02 -11.65 -17.55
CA VAL A 231 10.55 -10.35 -17.07
C VAL A 231 9.07 -10.40 -16.65
N THR A 232 8.64 -9.36 -15.92
CA THR A 232 7.24 -9.21 -15.56
C THR A 232 6.63 -8.22 -16.54
N ILE A 233 5.41 -8.51 -17.00
CA ILE A 233 4.69 -7.71 -17.99
C ILE A 233 4.34 -6.31 -17.48
N GLY A 234 4.22 -5.36 -18.41
CA GLY A 234 3.91 -3.96 -18.14
C GLY A 234 4.93 -3.28 -17.25
N SER A 235 6.22 -3.66 -17.39
CA SER A 235 7.37 -3.17 -16.63
C SER A 235 7.14 -3.31 -15.10
N GLY A 236 6.80 -4.54 -14.68
CA GLY A 236 6.53 -4.87 -13.28
C GLY A 236 5.15 -4.48 -12.81
N TYR A 237 4.15 -4.48 -13.71
CA TYR A 237 2.78 -4.12 -13.33
C TYR A 237 2.23 -5.07 -12.27
N ILE A 238 1.51 -4.51 -11.28
CA ILE A 238 0.92 -5.33 -10.21
C ILE A 238 -0.60 -5.26 -10.28
N PHE A 239 -1.24 -6.41 -10.51
CA PHE A 239 -2.69 -6.52 -10.55
C PHE A 239 -3.17 -6.89 -9.13
N ALA A 240 -4.41 -6.47 -8.76
CA ALA A 240 -5.03 -6.71 -7.44
C ALA A 240 -4.02 -6.36 -6.33
N THR A 241 -3.50 -5.11 -6.34
CA THR A 241 -2.49 -4.66 -5.35
C THR A 241 -2.91 -4.83 -3.90
N THR A 242 -2.03 -5.46 -3.13
CA THR A 242 -2.17 -5.62 -1.70
C THR A 242 -0.74 -5.52 -1.14
N GLY A 243 -0.47 -6.23 -0.08
CA GLY A 243 0.85 -6.22 0.54
C GLY A 243 1.08 -7.42 1.44
N TYR A 244 2.33 -7.60 1.89
CA TYR A 244 2.61 -8.60 2.91
C TYR A 244 2.35 -7.94 4.26
N GLY A 245 1.72 -8.68 5.17
CA GLY A 245 1.45 -8.20 6.52
C GLY A 245 1.66 -9.28 7.56
N ILE A 246 1.87 -8.86 8.81
CA ILE A 246 2.01 -9.81 9.91
C ILE A 246 0.57 -10.17 10.32
N ALA A 247 0.26 -11.49 10.33
CA ALA A 247 -1.08 -11.93 10.74
C ALA A 247 -1.05 -12.14 12.25
N LEU A 248 -2.07 -11.58 12.94
CA LEU A 248 -2.21 -11.70 14.38
C LEU A 248 -3.61 -12.20 14.69
N GLN A 249 -3.81 -12.71 15.91
CA GLN A 249 -5.14 -13.19 16.29
C GLN A 249 -6.10 -11.99 16.38
N LYS A 250 -7.38 -12.17 16.02
CA LYS A 250 -8.38 -11.08 16.12
C LYS A 250 -8.42 -10.59 17.57
N GLY A 251 -8.32 -9.28 17.74
CA GLY A 251 -8.26 -8.65 19.05
C GLY A 251 -6.94 -8.76 19.77
N SER A 252 -5.84 -9.07 19.02
CA SER A 252 -4.49 -9.22 19.60
C SER A 252 -4.04 -7.97 20.36
N PRO A 253 -3.45 -8.13 21.56
CA PRO A 253 -2.94 -6.94 22.26
C PRO A 253 -1.63 -6.43 21.67
N TRP A 254 -0.99 -7.19 20.73
CA TRP A 254 0.28 -6.81 20.12
C TRP A 254 0.15 -5.95 18.86
N LYS A 255 -1.05 -5.91 18.25
CA LYS A 255 -1.29 -5.23 16.96
C LYS A 255 -0.94 -3.74 16.96
N ARG A 256 -1.35 -3.01 18.02
CA ARG A 256 -1.10 -1.57 18.10
C ARG A 256 0.39 -1.25 18.00
N GLN A 257 1.24 -1.85 18.85
CA GLN A 257 2.67 -1.63 18.90
C GLN A 257 3.39 -2.12 17.65
N ILE A 258 2.92 -3.26 17.08
CA ILE A 258 3.53 -3.81 15.86
C ILE A 258 3.30 -2.84 14.69
N ASP A 259 2.07 -2.34 14.54
CA ASP A 259 1.70 -1.35 13.50
C ASP A 259 2.51 -0.08 13.60
N LEU A 260 2.60 0.48 14.81
CA LEU A 260 3.38 1.71 15.02
C LEU A 260 4.87 1.50 14.76
N ALA A 261 5.43 0.34 15.17
CA ALA A 261 6.84 0.05 14.93
C ALA A 261 7.12 -0.08 13.42
N LEU A 262 6.26 -0.82 12.69
CA LEU A 262 6.41 -0.95 11.25
C LEU A 262 6.40 0.44 10.57
N LEU A 263 5.45 1.32 10.96
CA LEU A 263 5.37 2.67 10.38
C LEU A 263 6.62 3.49 10.74
N GLN A 264 7.17 3.30 11.96
CA GLN A 264 8.40 3.94 12.41
C GLN A 264 9.58 3.49 11.54
N PHE A 265 9.72 2.15 11.28
CA PHE A 265 10.78 1.59 10.42
C PHE A 265 10.74 2.13 9.00
N VAL A 266 9.52 2.30 8.45
CA VAL A 266 9.34 2.88 7.10
C VAL A 266 9.82 4.33 7.14
N GLY A 267 9.31 5.08 8.12
CA GLY A 267 9.60 6.49 8.30
C GLY A 267 11.06 6.85 8.52
N ASP A 268 11.81 6.06 9.31
CA ASP A 268 13.21 6.42 9.60
C ASP A 268 14.24 5.81 8.63
N GLY A 269 13.77 5.13 7.57
CA GLY A 269 14.64 4.55 6.56
C GLY A 269 15.10 3.12 6.80
N GLU A 270 14.73 2.53 7.95
CA GLU A 270 15.11 1.15 8.30
C GLU A 270 14.58 0.12 7.28
N MET A 271 13.35 0.32 6.79
CA MET A 271 12.73 -0.54 5.79
C MET A 271 13.45 -0.48 4.45
N GLU A 272 13.83 0.75 4.00
CA GLU A 272 14.59 0.94 2.76
C GLU A 272 15.97 0.22 2.85
N GLU A 273 16.60 0.27 4.01
CA GLU A 273 17.89 -0.39 4.26
C GLU A 273 17.74 -1.92 4.06
N LEU A 274 16.63 -2.51 4.59
CA LEU A 274 16.36 -3.95 4.43
C LEU A 274 16.11 -4.34 2.95
N GLU A 275 15.38 -3.47 2.21
CA GLU A 275 15.11 -3.72 0.79
C GLU A 275 16.43 -3.74 0.01
N THR A 276 17.36 -2.83 0.34
CA THR A 276 18.67 -2.76 -0.31
C THR A 276 19.49 -4.03 0.01
N LEU A 277 19.43 -4.46 1.28
CA LEU A 277 20.15 -5.65 1.73
C LEU A 277 19.64 -6.95 1.09
N TRP A 278 18.30 -7.08 0.91
CA TRP A 278 17.71 -8.35 0.46
C TRP A 278 17.04 -8.39 -0.89
N LEU A 279 16.48 -7.28 -1.37
CA LEU A 279 15.61 -7.32 -2.54
C LEU A 279 16.13 -6.65 -3.83
N THR A 280 17.36 -6.12 -3.84
CA THR A 280 17.83 -5.49 -5.08
C THR A 280 18.32 -6.53 -6.06
N GLY A 281 18.18 -6.23 -7.34
CA GLY A 281 18.61 -7.09 -8.43
C GLY A 281 19.40 -6.35 -9.50
N ILE A 282 20.19 -7.08 -10.29
CA ILE A 282 21.01 -6.52 -11.37
C ILE A 282 20.13 -6.10 -12.57
N CYS A 283 19.10 -6.92 -12.90
CA CYS A 283 18.17 -6.65 -14.01
C CYS A 283 17.22 -5.52 -13.65
N THR B 5 -27.81 8.05 12.79
CA THR B 5 -26.55 7.46 12.32
C THR B 5 -26.11 7.94 10.92
N ARG B 6 -26.17 9.27 10.69
CA ARG B 6 -25.75 9.91 9.44
C ARG B 6 -24.31 10.39 9.66
N LEU B 7 -23.36 9.78 8.97
CA LEU B 7 -21.93 10.07 9.13
C LEU B 7 -21.51 11.43 8.60
N LYS B 8 -20.73 12.16 9.38
CA LYS B 8 -20.17 13.42 8.92
C LYS B 8 -18.82 13.05 8.31
N ILE B 9 -18.65 13.32 7.02
CA ILE B 9 -17.39 13.03 6.31
C ILE B 9 -16.67 14.32 6.08
N VAL B 10 -15.39 14.34 6.42
CA VAL B 10 -14.59 15.50 6.10
C VAL B 10 -13.67 15.17 4.93
N THR B 11 -13.50 16.14 4.03
CA THR B 11 -12.61 16.01 2.89
C THR B 11 -11.84 17.31 2.69
N ILE B 12 -11.01 17.34 1.67
CA ILE B 12 -10.19 18.49 1.33
C ILE B 12 -10.14 18.60 -0.17
N HIS B 13 -9.97 19.81 -0.68
CA HIS B 13 -9.80 19.99 -2.13
C HIS B 13 -8.42 19.41 -2.54
N GLN B 14 -8.37 18.48 -3.51
CA GLN B 14 -7.07 17.90 -3.93
C GLN B 14 -7.25 17.09 -5.19
N GLU B 15 -7.16 17.75 -6.36
CA GLU B 15 -7.32 17.06 -7.65
C GLU B 15 -6.17 16.07 -7.84
N PRO B 16 -6.40 14.86 -8.39
CA PRO B 16 -7.64 14.31 -8.96
C PRO B 16 -8.51 13.53 -7.96
N PHE B 17 -8.17 13.59 -6.65
CA PHE B 17 -8.91 12.82 -5.65
C PHE B 17 -10.24 13.48 -5.29
N VAL B 18 -10.21 14.81 -5.13
CA VAL B 18 -11.38 15.62 -4.78
C VAL B 18 -11.31 16.92 -5.56
N TYR B 19 -12.25 17.07 -6.50
CA TYR B 19 -12.50 18.29 -7.26
C TYR B 19 -13.58 19.01 -6.46
N VAL B 20 -13.48 20.34 -6.41
CA VAL B 20 -14.45 21.18 -5.71
C VAL B 20 -14.84 22.31 -6.69
N LYS B 21 -16.13 22.42 -6.97
CA LYS B 21 -16.65 23.40 -7.91
C LYS B 21 -17.88 24.10 -7.33
N PRO B 22 -18.24 25.32 -7.79
CA PRO B 22 -19.47 25.95 -7.28
C PRO B 22 -20.70 25.18 -7.76
N THR B 23 -21.80 25.25 -7.01
CA THR B 23 -23.07 24.65 -7.43
C THR B 23 -23.60 25.57 -8.53
N LEU B 24 -24.61 25.12 -9.26
CA LEU B 24 -25.30 25.96 -10.25
C LEU B 24 -26.20 26.91 -9.43
N SER B 25 -26.79 27.95 -10.07
CA SER B 25 -27.70 28.93 -9.45
C SER B 25 -28.82 28.27 -8.62
N ASP B 26 -29.33 27.11 -9.08
CA ASP B 26 -30.43 26.39 -8.40
C ASP B 26 -29.94 25.47 -7.25
N GLY B 27 -28.63 25.49 -6.95
CA GLY B 27 -28.05 24.69 -5.87
C GLY B 27 -27.73 23.25 -6.23
N THR B 28 -27.94 22.84 -7.50
CA THR B 28 -27.61 21.48 -7.96
C THR B 28 -26.18 21.48 -8.56
N CYS B 29 -25.69 20.30 -8.94
CA CYS B 29 -24.38 20.15 -9.57
C CYS B 29 -24.51 19.90 -11.06
N LYS B 30 -23.65 20.56 -11.84
CA LYS B 30 -23.58 20.43 -13.30
C LYS B 30 -23.46 18.95 -13.71
N GLU B 31 -24.30 18.50 -14.66
CA GLU B 31 -24.28 17.12 -15.13
C GLU B 31 -23.08 16.93 -16.05
N GLU B 32 -22.19 16.00 -15.69
CA GLU B 32 -20.99 15.72 -16.47
C GLU B 32 -20.79 14.25 -16.71
N PHE B 33 -20.01 13.92 -17.74
CA PHE B 33 -19.75 12.55 -18.16
C PHE B 33 -18.27 12.32 -18.39
N THR B 34 -17.80 11.09 -18.10
CA THR B 34 -16.41 10.67 -18.32
C THR B 34 -16.17 10.47 -19.83
N VAL B 35 -14.98 9.96 -20.21
CA VAL B 35 -14.68 9.69 -21.61
C VAL B 35 -15.46 8.41 -22.04
N ASN B 36 -15.73 7.51 -21.06
CA ASN B 36 -16.49 6.27 -21.22
C ASN B 36 -18.02 6.47 -21.42
N GLY B 37 -18.50 7.70 -21.24
CA GLY B 37 -19.91 8.06 -21.39
C GLY B 37 -20.72 7.89 -20.12
N ASP B 38 -20.08 7.38 -19.06
CA ASP B 38 -20.68 7.15 -17.75
C ASP B 38 -20.88 8.47 -17.00
N PRO B 39 -22.01 8.68 -16.30
CA PRO B 39 -22.21 9.95 -15.59
C PRO B 39 -21.20 10.13 -14.44
N VAL B 40 -20.80 11.36 -14.19
CA VAL B 40 -19.87 11.68 -13.09
C VAL B 40 -20.72 11.81 -11.82
N LYS B 41 -20.44 10.97 -10.78
CA LYS B 41 -21.18 11.02 -9.52
C LYS B 41 -20.71 12.22 -8.72
N LYS B 42 -21.63 13.08 -8.32
CA LYS B 42 -21.28 14.30 -7.58
C LYS B 42 -22.07 14.35 -6.30
N VAL B 43 -21.48 14.97 -5.25
CA VAL B 43 -22.14 15.13 -3.96
C VAL B 43 -22.07 16.59 -3.55
N ILE B 44 -23.06 17.04 -2.76
CA ILE B 44 -23.02 18.41 -2.23
C ILE B 44 -22.08 18.36 -1.02
N CYS B 45 -21.08 19.25 -1.01
CA CYS B 45 -20.14 19.35 0.10
C CYS B 45 -20.09 20.80 0.56
N THR B 46 -20.41 21.04 1.83
CA THR B 46 -20.40 22.40 2.35
C THR B 46 -18.99 22.78 2.79
N GLY B 47 -18.63 24.03 2.54
CA GLY B 47 -17.31 24.52 2.88
C GLY B 47 -17.12 26.01 2.78
N PRO B 48 -16.02 26.52 3.38
CA PRO B 48 -15.77 27.96 3.31
C PRO B 48 -15.23 28.35 1.94
N ASN B 49 -15.53 29.58 1.51
CA ASN B 49 -14.98 30.15 0.28
C ASN B 49 -13.52 30.51 0.61
N ASP B 50 -12.66 30.51 -0.43
CA ASP B 50 -11.22 30.81 -0.30
C ASP B 50 -11.01 32.17 0.38
N THR B 51 -10.30 32.15 1.51
CA THR B 51 -10.01 33.34 2.31
C THR B 51 -8.60 33.25 2.90
N SER B 52 -8.00 34.42 3.15
CA SER B 52 -6.67 34.55 3.73
C SER B 52 -6.64 33.99 5.19
N PRO B 53 -5.48 33.54 5.72
CA PRO B 53 -5.47 33.06 7.13
C PRO B 53 -5.85 34.16 8.12
N GLY B 54 -6.52 33.76 9.21
CA GLY B 54 -6.98 34.68 10.25
C GLY B 54 -8.21 35.48 9.87
N SER B 55 -8.94 35.04 8.83
CA SER B 55 -10.15 35.74 8.38
C SER B 55 -11.44 34.97 8.72
N PRO B 56 -12.61 35.63 8.90
CA PRO B 56 -13.85 34.86 9.11
C PRO B 56 -14.11 33.97 7.89
N ARG B 57 -14.66 32.79 8.12
CA ARG B 57 -14.95 31.86 7.05
C ARG B 57 -16.46 31.80 6.85
N HIS B 58 -16.94 31.88 5.60
CA HIS B 58 -18.36 31.77 5.30
CA HIS B 58 -18.36 31.81 5.24
C HIS B 58 -18.63 30.48 4.54
N THR B 59 -19.35 29.56 5.20
CA THR B 59 -19.69 28.24 4.69
C THR B 59 -20.84 28.28 3.67
N VAL B 60 -20.63 27.66 2.49
CA VAL B 60 -21.61 27.55 1.41
C VAL B 60 -21.62 26.13 0.78
N PRO B 61 -22.79 25.63 0.27
CA PRO B 61 -22.79 24.34 -0.43
C PRO B 61 -21.95 24.44 -1.71
N GLN B 62 -21.13 23.41 -1.97
CA GLN B 62 -20.29 23.33 -3.16
C GLN B 62 -20.46 21.93 -3.74
N CYS B 63 -19.92 21.66 -4.95
CA CYS B 63 -20.00 20.34 -5.59
C CYS B 63 -18.68 19.62 -5.45
N CYS B 64 -18.73 18.37 -5.00
CA CYS B 64 -17.54 17.54 -4.81
C CYS B 64 -17.63 16.28 -5.68
N TYR B 65 -16.49 15.90 -6.32
CA TYR B 65 -16.38 14.69 -7.13
C TYR B 65 -14.91 14.26 -7.24
N GLY B 66 -14.66 13.04 -7.72
CA GLY B 66 -13.31 12.55 -7.90
C GLY B 66 -13.11 11.16 -7.35
N PHE B 67 -11.88 10.67 -7.38
CA PHE B 67 -11.53 9.32 -6.90
C PHE B 67 -12.10 9.07 -5.49
N CYS B 68 -11.81 9.98 -4.55
CA CYS B 68 -12.25 9.82 -3.16
C CYS B 68 -13.79 9.88 -3.00
N ILE B 69 -14.49 10.67 -3.82
CA ILE B 69 -15.96 10.73 -3.77
C ILE B 69 -16.58 9.41 -4.31
N ASP B 70 -16.05 8.88 -5.42
CA ASP B 70 -16.47 7.56 -5.94
C ASP B 70 -16.23 6.48 -4.89
N LEU B 71 -15.10 6.56 -4.18
CA LEU B 71 -14.76 5.61 -3.12
C LEU B 71 -15.75 5.70 -1.95
N LEU B 72 -16.08 6.94 -1.50
CA LEU B 72 -17.07 7.18 -0.44
C LEU B 72 -18.44 6.56 -0.85
N ILE B 73 -18.89 6.82 -2.09
CA ILE B 73 -20.18 6.29 -2.58
C ILE B 73 -20.20 4.76 -2.51
N LYS B 74 -19.11 4.10 -2.94
CA LYS B 74 -18.99 2.64 -2.89
C LYS B 74 -19.05 2.12 -1.42
N LEU B 75 -18.29 2.75 -0.50
CA LEU B 75 -18.29 2.38 0.93
C LEU B 75 -19.70 2.54 1.54
N ALA B 76 -20.36 3.68 1.28
CA ALA B 76 -21.71 3.95 1.80
C ALA B 76 -22.74 2.90 1.31
N ARG B 77 -22.64 2.47 0.04
CA ARG B 77 -23.51 1.46 -0.56
C ARG B 77 -23.28 0.06 0.06
N THR B 78 -22.00 -0.33 0.24
CA THR B 78 -21.57 -1.61 0.77
C THR B 78 -21.89 -1.77 2.27
N MET B 79 -21.68 -0.71 3.04
CA MET B 79 -21.87 -0.77 4.48
C MET B 79 -23.21 -0.21 4.94
N ASN B 80 -24.03 0.26 3.98
CA ASN B 80 -25.37 0.80 4.19
C ASN B 80 -25.43 1.96 5.22
N PHE B 81 -24.70 3.07 4.96
CA PHE B 81 -24.76 4.27 5.79
C PHE B 81 -25.08 5.46 4.94
N THR B 82 -25.68 6.49 5.54
CA THR B 82 -25.96 7.77 4.87
C THR B 82 -24.89 8.72 5.38
N TYR B 83 -24.68 9.84 4.70
CA TYR B 83 -23.61 10.75 5.09
C TYR B 83 -23.90 12.16 4.63
N GLU B 84 -23.09 13.10 5.10
CA GLU B 84 -23.05 14.48 4.66
C GLU B 84 -21.58 14.88 4.58
N VAL B 85 -21.18 15.44 3.46
CA VAL B 85 -19.79 15.81 3.22
C VAL B 85 -19.54 17.28 3.52
N HIS B 86 -18.43 17.56 4.21
CA HIS B 86 -17.97 18.93 4.40
C HIS B 86 -16.49 19.01 4.15
N LEU B 87 -16.05 20.15 3.67
CA LEU B 87 -14.65 20.46 3.41
C LEU B 87 -14.04 20.99 4.71
N VAL B 88 -12.83 20.50 5.05
CA VAL B 88 -12.09 20.88 6.26
C VAL B 88 -12.07 22.42 6.43
N ALA B 89 -12.59 22.91 7.57
CA ALA B 89 -12.69 24.36 7.82
C ALA B 89 -11.37 25.11 7.68
N ASP B 90 -10.23 24.56 8.16
CA ASP B 90 -8.97 25.31 8.04
C ASP B 90 -8.19 25.02 6.75
N GLY B 91 -8.73 24.17 5.86
CA GLY B 91 -8.08 23.85 4.59
C GLY B 91 -6.84 22.97 4.72
N LYS B 92 -6.63 22.32 5.89
CA LYS B 92 -5.39 21.52 6.08
C LYS B 92 -5.61 20.02 6.29
N PHE B 93 -4.57 19.20 5.96
CA PHE B 93 -4.61 17.75 6.20
C PHE B 93 -4.50 17.44 7.68
N GLY B 94 -3.52 18.03 8.37
CA GLY B 94 -3.42 17.84 9.81
C GLY B 94 -2.06 17.44 10.35
N THR B 95 -1.56 18.24 11.31
CA THR B 95 -0.32 17.95 12.06
C THR B 95 -0.59 18.26 13.53
N GLN B 96 0.30 17.78 14.40
CA GLN B 96 0.21 18.00 15.84
C GLN B 96 1.20 19.10 16.20
N GLU B 97 0.70 20.21 16.76
CA GLU B 97 1.58 21.33 17.12
C GLU B 97 1.48 21.63 18.62
N ARG B 98 2.58 22.20 19.16
CA ARG B 98 2.60 22.60 20.56
C ARG B 98 1.85 23.94 20.66
N VAL B 99 0.94 24.04 21.62
CA VAL B 99 0.15 25.25 21.86
C VAL B 99 1.07 26.27 22.58
N ASN B 103 2.85 22.98 27.36
CA ASN B 103 2.65 21.56 27.65
C ASN B 103 1.62 20.90 26.72
N LYS B 104 0.53 21.61 26.37
CA LYS B 104 -0.52 21.06 25.53
C LYS B 104 -0.11 20.95 24.05
N LYS B 105 -0.61 19.90 23.40
CA LYS B 105 -0.42 19.60 21.97
C LYS B 105 -1.80 19.45 21.35
N GLU B 106 -2.01 19.98 20.14
CA GLU B 106 -3.31 19.88 19.46
C GLU B 106 -3.14 19.54 18.00
N TRP B 107 -4.10 18.79 17.44
CA TRP B 107 -4.10 18.46 16.01
C TRP B 107 -4.95 19.51 15.29
N ASN B 108 -4.49 19.94 14.14
CA ASN B 108 -5.22 20.89 13.29
C ASN B 108 -5.76 20.07 12.08
N GLY B 109 -6.28 20.76 11.08
CA GLY B 109 -6.80 20.13 9.85
C GLY B 109 -7.84 19.05 10.05
N MET B 110 -7.93 18.10 9.08
CA MET B 110 -8.90 17.01 9.12
C MET B 110 -8.68 16.14 10.32
N MET B 111 -7.40 16.01 10.77
CA MET B 111 -7.05 15.23 11.98
C MET B 111 -7.77 15.80 13.22
N GLY B 112 -7.66 17.12 13.41
CA GLY B 112 -8.33 17.80 14.52
C GLY B 112 -9.84 17.64 14.47
N GLU B 113 -10.44 17.76 13.27
CA GLU B 113 -11.89 17.64 13.03
C GLU B 113 -12.40 16.28 13.42
N LEU B 114 -11.65 15.22 13.04
CA LEU B 114 -12.04 13.85 13.36
C LEU B 114 -11.91 13.61 14.88
N LEU B 115 -10.81 14.06 15.47
CA LEU B 115 -10.59 13.86 16.92
C LEU B 115 -11.57 14.66 17.78
N SER B 116 -12.07 15.80 17.29
CA SER B 116 -13.03 16.61 18.05
C SER B 116 -14.50 16.21 17.81
N GLY B 117 -14.74 15.21 16.95
CA GLY B 117 -16.09 14.77 16.66
C GLY B 117 -16.80 15.64 15.63
N GLN B 118 -16.12 16.65 15.04
CA GLN B 118 -16.67 17.49 13.97
C GLN B 118 -16.88 16.64 12.69
N ALA B 119 -16.15 15.52 12.60
CA ALA B 119 -16.21 14.55 11.51
C ALA B 119 -16.15 13.16 12.12
N ASP B 120 -16.72 12.18 11.42
CA ASP B 120 -16.75 10.78 11.85
C ASP B 120 -15.80 9.97 10.97
N MET B 121 -15.44 10.52 9.79
CA MET B 121 -14.57 9.81 8.85
C MET B 121 -13.87 10.81 7.97
N ILE B 122 -12.59 10.56 7.70
CA ILE B 122 -11.81 11.39 6.78
C ILE B 122 -11.76 10.55 5.48
N VAL B 123 -12.28 11.08 4.40
CA VAL B 123 -12.25 10.43 3.08
C VAL B 123 -11.53 11.43 2.18
N ALA B 124 -10.24 11.20 1.99
CA ALA B 124 -9.32 12.11 1.30
C ALA B 124 -7.98 11.44 1.01
N PRO B 125 -7.08 12.07 0.20
CA PRO B 125 -5.73 11.47 0.02
C PRO B 125 -4.90 11.76 1.30
N LEU B 126 -5.25 11.05 2.38
CA LEU B 126 -4.68 11.20 3.73
C LEU B 126 -3.56 10.17 3.94
N THR B 127 -2.32 10.66 4.05
CA THR B 127 -1.14 9.80 4.24
C THR B 127 -1.19 9.08 5.59
N ILE B 128 -0.90 7.78 5.56
CA ILE B 128 -0.79 6.95 6.75
C ILE B 128 0.66 7.14 7.26
N ASN B 129 0.80 7.56 8.52
CA ASN B 129 2.13 7.68 9.13
C ASN B 129 2.04 7.35 10.61
N ASN B 130 3.18 7.16 11.26
CA ASN B 130 3.23 6.77 12.68
C ASN B 130 2.54 7.82 13.58
N GLU B 131 2.85 9.11 13.34
CA GLU B 131 2.36 10.25 14.14
C GLU B 131 0.83 10.29 14.25
N ARG B 132 0.12 10.11 13.13
CA ARG B 132 -1.34 10.08 13.10
C ARG B 132 -1.93 8.78 13.61
N ALA B 133 -1.28 7.61 13.29
CA ALA B 133 -1.76 6.30 13.71
C ALA B 133 -1.73 6.14 15.24
N GLN B 134 -0.94 6.97 15.93
CA GLN B 134 -0.92 6.97 17.41
C GLN B 134 -2.28 7.47 17.94
N TYR B 135 -3.02 8.30 17.13
CA TYR B 135 -4.29 8.90 17.57
C TYR B 135 -5.54 8.42 16.87
N ILE B 136 -5.44 8.04 15.56
CA ILE B 136 -6.61 7.59 14.82
C ILE B 136 -6.37 6.22 14.21
N GLU B 137 -7.45 5.57 13.75
CA GLU B 137 -7.41 4.31 13.03
C GLU B 137 -7.41 4.61 11.51
N PHE B 138 -6.44 4.05 10.80
CA PHE B 138 -6.41 4.15 9.34
C PHE B 138 -6.91 2.84 8.78
N SER B 139 -7.63 2.89 7.68
CA SER B 139 -8.00 1.65 7.00
C SER B 139 -6.73 1.09 6.30
N LYS B 140 -6.84 -0.10 5.70
CA LYS B 140 -5.81 -0.64 4.82
C LYS B 140 -5.74 0.38 3.65
N PRO B 141 -4.58 0.58 3.04
CA PRO B 141 -4.46 1.65 2.03
C PRO B 141 -5.30 1.46 0.80
N PHE B 142 -5.74 2.57 0.21
CA PHE B 142 -6.49 2.50 -1.06
C PHE B 142 -5.61 2.93 -2.23
N LYS B 143 -4.43 3.50 -1.94
CA LYS B 143 -3.49 3.97 -2.98
C LYS B 143 -2.06 3.97 -2.42
N TYR B 144 -1.07 3.50 -3.20
CA TYR B 144 0.34 3.47 -2.78
C TYR B 144 1.06 4.39 -3.70
N GLN B 145 1.83 5.29 -3.11
CA GLN B 145 2.48 6.33 -3.90
C GLN B 145 3.73 6.81 -3.15
N GLY B 146 4.08 8.07 -3.28
CA GLY B 146 5.21 8.57 -2.54
C GLY B 146 5.45 10.05 -2.75
N LEU B 147 6.64 10.50 -2.37
CA LEU B 147 7.02 11.90 -2.52
C LEU B 147 7.92 12.10 -3.71
N THR B 148 7.70 13.21 -4.42
CA THR B 148 8.47 13.62 -5.58
C THR B 148 8.53 15.15 -5.62
N ILE B 149 9.16 15.69 -6.65
CA ILE B 149 9.40 17.12 -6.75
C ILE B 149 8.90 17.64 -8.07
N LEU B 150 8.11 18.72 -8.04
CA LEU B 150 7.57 19.37 -9.21
C LEU B 150 8.37 20.65 -9.52
N VAL B 151 8.79 20.79 -10.78
CA VAL B 151 9.54 21.96 -11.28
C VAL B 151 8.96 22.44 -12.63
N LYS B 152 9.35 23.65 -13.04
CA LYS B 152 8.96 24.21 -14.33
C LYS B 152 9.85 23.51 -15.34
N LYS B 153 9.32 23.18 -16.54
CA LYS B 153 10.13 22.53 -17.57
C LYS B 153 11.33 23.46 -17.88
N GLY B 154 12.53 22.91 -17.80
CA GLY B 154 13.76 23.67 -18.00
C GLY B 154 14.59 23.80 -16.74
N THR B 155 13.97 23.62 -15.54
CA THR B 155 14.66 23.65 -14.26
C THR B 155 15.41 22.32 -14.11
N ARG B 156 16.71 22.40 -13.79
CA ARG B 156 17.56 21.22 -13.66
C ARG B 156 17.82 20.82 -12.21
N ILE B 157 17.13 19.76 -11.76
CA ILE B 157 17.25 19.16 -10.42
C ILE B 157 17.46 17.66 -10.62
N THR B 158 18.45 17.06 -9.94
CA THR B 158 18.70 15.61 -10.04
C THR B 158 17.67 14.84 -9.22
N GLY B 159 17.22 15.44 -8.12
CA GLY B 159 16.25 14.88 -7.19
C GLY B 159 16.51 15.35 -5.78
N ILE B 160 16.18 14.51 -4.79
CA ILE B 160 16.32 14.82 -3.35
C ILE B 160 17.79 15.14 -2.92
N ASN B 161 18.79 14.62 -3.68
CA ASN B 161 20.21 14.80 -3.37
C ASN B 161 20.86 15.96 -4.11
N ASP B 162 20.07 16.72 -4.89
CA ASP B 162 20.59 17.88 -5.62
C ASP B 162 21.22 18.88 -4.63
N PRO B 163 22.46 19.39 -4.92
CA PRO B 163 23.08 20.38 -4.01
C PRO B 163 22.23 21.61 -3.73
N ARG B 164 21.43 22.07 -4.73
CA ARG B 164 20.49 23.20 -4.58
C ARG B 164 19.42 22.94 -3.50
N LEU B 165 19.17 21.64 -3.17
CA LEU B 165 18.26 21.23 -2.11
C LEU B 165 19.02 20.99 -0.78
N ARG B 166 20.08 20.15 -0.82
CA ARG B 166 20.85 19.74 0.36
C ARG B 166 21.70 20.85 0.99
N ASN B 167 22.11 21.85 0.20
CA ASN B 167 22.91 22.98 0.67
C ASN B 167 22.25 24.24 0.08
N PRO B 168 21.10 24.67 0.67
CA PRO B 168 20.34 25.76 0.07
C PRO B 168 20.76 27.19 0.36
N SER B 169 20.19 28.11 -0.43
CA SER B 169 20.34 29.56 -0.35
C SER B 169 19.04 30.18 -0.86
N ASP B 170 18.88 31.51 -0.69
CA ASP B 170 17.71 32.27 -1.13
C ASP B 170 17.57 32.38 -2.66
N LYS B 171 18.51 31.77 -3.41
CA LYS B 171 18.57 31.77 -4.87
C LYS B 171 17.65 30.71 -5.49
N PHE B 172 17.47 29.58 -4.78
CA PHE B 172 16.63 28.48 -5.26
C PHE B 172 15.63 28.10 -4.16
N ILE B 173 14.39 28.58 -4.31
CA ILE B 173 13.33 28.42 -3.32
C ILE B 173 12.51 27.13 -3.55
N TYR B 174 12.46 26.27 -2.51
CA TYR B 174 11.63 25.06 -2.54
C TYR B 174 10.77 24.98 -1.28
N ALA B 175 9.60 24.32 -1.40
CA ALA B 175 8.66 24.27 -0.29
C ALA B 175 7.70 23.12 -0.43
N THR B 176 6.90 22.93 0.60
CA THR B 176 5.80 21.97 0.61
C THR B 176 4.52 22.68 1.08
N VAL B 177 3.52 21.91 1.49
CA VAL B 177 2.28 22.46 2.01
C VAL B 177 2.38 22.44 3.53
N LYS B 178 1.96 23.54 4.17
CA LYS B 178 1.96 23.66 5.64
C LYS B 178 1.00 22.66 6.25
N GLN B 179 1.33 22.18 7.48
CA GLN B 179 0.49 21.30 8.27
C GLN B 179 0.02 20.04 7.48
N SER B 180 0.97 19.44 6.75
CA SER B 180 0.79 18.23 5.95
C SER B 180 1.74 17.12 6.42
N SER B 181 1.58 15.93 5.85
CA SER B 181 2.42 14.76 6.13
C SER B 181 3.86 15.00 5.65
N VAL B 182 4.03 15.82 4.60
CA VAL B 182 5.36 16.12 4.08
C VAL B 182 6.08 17.00 5.10
N ASP B 183 5.34 17.96 5.70
CA ASP B 183 5.86 18.84 6.74
C ASP B 183 6.34 17.96 7.94
N ILE B 184 5.50 16.97 8.37
CA ILE B 184 5.79 15.97 9.43
C ILE B 184 7.09 15.20 9.10
N TYR B 185 7.20 14.67 7.86
CA TYR B 185 8.33 13.86 7.38
C TYR B 185 9.66 14.63 7.53
N PHE B 186 9.73 15.83 6.93
CA PHE B 186 10.92 16.68 6.95
C PHE B 186 11.27 17.18 8.35
N ARG B 187 10.26 17.41 9.24
CA ARG B 187 10.48 17.85 10.62
C ARG B 187 11.09 16.72 11.47
N ARG B 188 10.61 15.48 11.30
CA ARG B 188 11.09 14.32 12.06
C ARG B 188 12.49 13.83 11.64
N GLN B 189 12.72 13.65 10.34
CA GLN B 189 13.98 13.15 9.81
C GLN B 189 15.12 14.17 9.95
N VAL B 190 15.95 14.04 11.02
CA VAL B 190 17.10 14.93 11.32
C VAL B 190 18.03 15.11 10.09
N GLU B 191 18.21 14.05 9.28
CA GLU B 191 19.02 14.05 8.06
C GLU B 191 18.51 15.07 7.01
N LEU B 192 17.23 15.46 7.12
CA LEU B 192 16.59 16.45 6.22
C LEU B 192 16.42 17.80 6.91
N SER B 193 17.00 18.01 8.12
CA SER B 193 16.82 19.25 8.87
C SER B 193 17.23 20.51 8.11
N THR B 194 18.30 20.43 7.27
CA THR B 194 18.72 21.59 6.47
C THR B 194 17.60 21.96 5.47
N MET B 195 16.99 20.94 4.84
CA MET B 195 15.87 21.13 3.93
C MET B 195 14.66 21.69 4.69
N TYR B 196 14.33 21.10 5.85
CA TYR B 196 13.19 21.53 6.67
C TYR B 196 13.25 23.02 7.03
N ARG B 197 14.44 23.49 7.47
CA ARG B 197 14.65 24.89 7.85
C ARG B 197 14.45 25.85 6.69
N HIS B 198 14.84 25.44 5.47
CA HIS B 198 14.65 26.25 4.26
C HIS B 198 13.14 26.32 3.94
N MET B 199 12.46 25.15 3.97
CA MET B 199 11.04 25.03 3.64
C MET B 199 10.12 25.78 4.58
N GLU B 200 10.39 25.73 5.91
CA GLU B 200 9.54 26.38 6.91
C GLU B 200 9.45 27.91 6.69
N LYS B 201 10.31 28.48 5.83
CA LYS B 201 10.30 29.90 5.47
C LYS B 201 9.36 30.17 4.28
N HIS B 202 9.12 29.14 3.41
CA HIS B 202 8.37 29.31 2.17
C HIS B 202 7.14 28.38 1.96
N ASN B 203 6.75 27.57 2.95
CA ASN B 203 5.62 26.62 2.82
C ASN B 203 4.30 27.31 2.46
N TYR B 204 3.46 26.63 1.63
CA TYR B 204 2.19 27.15 1.12
C TYR B 204 0.98 26.66 1.89
N GLU B 205 -0.13 27.41 1.83
CA GLU B 205 -1.36 27.05 2.53
C GLU B 205 -2.03 25.85 1.87
N SER B 206 -1.84 25.70 0.56
CA SER B 206 -2.46 24.58 -0.19
C SER B 206 -1.60 24.14 -1.36
N ALA B 207 -1.81 22.89 -1.84
CA ALA B 207 -1.11 22.34 -3.00
C ALA B 207 -1.39 23.19 -4.25
N ALA B 208 -2.66 23.61 -4.50
CA ALA B 208 -3.00 24.45 -5.67
C ALA B 208 -2.19 25.75 -5.70
N GLU B 209 -2.02 26.41 -4.54
CA GLU B 209 -1.26 27.66 -4.44
C GLU B 209 0.22 27.42 -4.75
N ALA B 210 0.78 26.31 -4.24
CA ALA B 210 2.15 25.92 -4.51
C ALA B 210 2.38 25.62 -6.00
N ILE B 211 1.48 24.84 -6.64
CA ILE B 211 1.55 24.49 -8.06
C ILE B 211 1.54 25.78 -8.92
N GLN B 212 0.64 26.72 -8.59
CA GLN B 212 0.50 28.02 -9.27
C GLN B 212 1.79 28.84 -9.18
N ALA B 213 2.38 28.91 -7.97
CA ALA B 213 3.65 29.58 -7.67
C ALA B 213 4.81 29.03 -8.53
N VAL B 214 4.83 27.70 -8.79
CA VAL B 214 5.84 27.06 -9.64
C VAL B 214 5.64 27.58 -11.07
N ARG B 215 4.38 27.64 -11.54
CA ARG B 215 4.03 28.16 -12.87
C ARG B 215 4.43 29.64 -13.00
N ASP B 216 4.16 30.45 -11.96
CA ASP B 216 4.44 31.88 -11.89
C ASP B 216 5.91 32.26 -11.63
N ASN B 217 6.81 31.26 -11.49
CA ASN B 217 8.24 31.41 -11.23
C ASN B 217 8.51 32.04 -9.85
N LYS B 218 7.56 31.89 -8.92
CA LYS B 218 7.63 32.36 -7.53
C LYS B 218 8.22 31.25 -6.65
N LEU B 219 8.11 30.00 -7.11
CA LEU B 219 8.62 28.82 -6.39
C LEU B 219 9.36 27.95 -7.39
N HIS B 220 10.62 27.61 -7.08
CA HIS B 220 11.44 26.83 -8.01
C HIS B 220 11.18 25.33 -7.97
N ALA B 221 10.80 24.79 -6.81
CA ALA B 221 10.50 23.35 -6.65
C ALA B 221 9.45 23.14 -5.56
N PHE B 222 8.47 22.26 -5.85
CA PHE B 222 7.40 21.90 -4.91
C PHE B 222 7.51 20.40 -4.59
N ILE B 223 7.67 20.11 -3.30
CA ILE B 223 7.83 18.74 -2.81
C ILE B 223 6.46 18.27 -2.30
N TRP B 224 5.90 17.23 -2.95
CA TRP B 224 4.55 16.79 -2.63
C TRP B 224 4.28 15.37 -3.09
N ASP B 225 3.04 14.92 -2.89
CA ASP B 225 2.56 13.58 -3.25
C ASP B 225 2.65 13.35 -4.74
N SER B 226 3.31 12.22 -5.14
CA SER B 226 3.47 11.83 -6.54
C SER B 226 2.15 11.56 -7.24
N ALA B 227 1.13 11.01 -6.53
CA ALA B 227 -0.17 10.76 -7.14
C ALA B 227 -0.83 12.08 -7.61
N VAL B 228 -0.57 13.18 -6.87
CA VAL B 228 -1.06 14.52 -7.22
C VAL B 228 -0.13 15.19 -8.25
N LEU B 229 1.21 15.19 -8.00
CA LEU B 229 2.17 15.87 -8.90
C LEU B 229 2.24 15.30 -10.32
N GLU B 230 2.13 13.96 -10.47
CA GLU B 230 2.19 13.32 -11.79
C GLU B 230 0.91 13.60 -12.57
N PHE B 231 -0.22 13.69 -11.86
CA PHE B 231 -1.47 14.06 -12.48
C PHE B 231 -1.35 15.51 -12.98
N GLU B 232 -0.83 16.42 -12.13
CA GLU B 232 -0.64 17.85 -12.47
C GLU B 232 0.29 18.03 -13.67
N ALA B 233 1.42 17.31 -13.70
CA ALA B 233 2.40 17.37 -14.79
C ALA B 233 1.78 16.87 -16.11
N SER B 234 0.94 15.81 -16.04
CA SER B 234 0.28 15.25 -17.24
C SER B 234 -0.75 16.19 -17.88
N GLN B 235 -1.27 17.17 -17.12
CA GLN B 235 -2.25 18.17 -17.57
C GLN B 235 -1.58 19.50 -17.95
N LYS B 236 -0.61 19.95 -17.12
CA LYS B 236 0.14 21.20 -17.29
C LYS B 236 1.53 20.87 -17.83
N CYS B 237 1.64 20.83 -19.16
CA CYS B 237 2.85 20.44 -19.90
C CYS B 237 4.06 21.39 -19.74
N ASP B 238 3.86 22.53 -19.06
CA ASP B 238 4.90 23.48 -18.68
C ASP B 238 5.53 23.03 -17.34
N LEU B 239 4.97 21.97 -16.73
CA LEU B 239 5.45 21.44 -15.45
C LEU B 239 5.91 20.01 -15.60
N VAL B 240 6.95 19.64 -14.85
CA VAL B 240 7.50 18.29 -14.90
C VAL B 240 7.90 17.82 -13.48
N THR B 241 7.88 16.50 -13.26
CA THR B 241 8.33 15.96 -11.99
C THR B 241 9.79 15.59 -12.19
N THR B 242 10.61 15.73 -11.14
CA THR B 242 12.01 15.43 -11.31
C THR B 242 12.40 14.21 -10.51
N GLY B 243 12.78 13.18 -11.27
CA GLY B 243 13.24 11.92 -10.76
C GLY B 243 12.14 10.95 -10.41
N GLU B 244 12.49 10.01 -9.53
CA GLU B 244 11.58 8.99 -9.04
C GLU B 244 10.99 9.45 -7.71
N LEU B 245 10.62 8.49 -6.87
CA LEU B 245 10.10 8.75 -5.55
C LEU B 245 11.25 8.62 -4.59
N PHE B 246 11.44 9.62 -3.72
CA PHE B 246 12.49 9.57 -2.71
C PHE B 246 11.97 8.94 -1.41
N PHE B 247 10.65 8.76 -1.32
CA PHE B 247 10.00 8.15 -0.16
C PHE B 247 8.67 7.58 -0.64
N ARG B 248 8.24 6.46 -0.07
CA ARG B 248 6.98 5.83 -0.45
C ARG B 248 5.99 5.83 0.69
N SER B 249 4.73 6.15 0.40
CA SER B 249 3.68 6.21 1.41
C SER B 249 2.32 5.88 0.80
N GLY B 250 1.37 5.49 1.65
CA GLY B 250 0.04 5.15 1.18
C GLY B 250 -1.01 6.06 1.76
N PHE B 251 -2.18 6.11 1.09
CA PHE B 251 -3.33 6.87 1.59
C PHE B 251 -4.31 5.90 2.20
N GLY B 252 -4.95 6.31 3.30
CA GLY B 252 -6.00 5.52 3.94
C GLY B 252 -7.20 6.35 4.36
N ILE B 253 -8.30 5.67 4.73
CA ILE B 253 -9.50 6.31 5.30
C ILE B 253 -9.21 6.48 6.81
N GLY B 254 -9.55 7.65 7.37
CA GLY B 254 -9.33 7.93 8.78
C GLY B 254 -10.61 7.84 9.58
N MET B 255 -10.54 7.19 10.75
CA MET B 255 -11.66 7.01 11.68
C MET B 255 -11.13 7.05 13.11
N ARG B 256 -12.01 7.34 14.09
CA ARG B 256 -11.62 7.30 15.50
C ARG B 256 -11.40 5.83 15.91
N LYS B 257 -10.49 5.59 16.87
CA LYS B 257 -10.15 4.22 17.29
C LYS B 257 -11.36 3.37 17.77
N ASP B 258 -12.41 4.01 18.28
CA ASP B 258 -13.61 3.30 18.74
C ASP B 258 -14.75 3.23 17.69
N SER B 259 -14.47 3.60 16.41
CA SER B 259 -15.46 3.56 15.32
C SER B 259 -16.01 2.14 15.11
N PRO B 260 -17.33 1.96 14.96
CA PRO B 260 -17.85 0.59 14.72
C PRO B 260 -17.75 0.16 13.24
N TRP B 261 -17.30 1.06 12.36
CA TRP B 261 -17.19 0.81 10.92
C TRP B 261 -15.77 0.40 10.50
N LYS B 262 -14.79 0.44 11.42
CA LYS B 262 -13.39 0.22 11.10
C LYS B 262 -13.11 -1.11 10.36
N GLN B 263 -13.55 -2.25 10.88
CA GLN B 263 -13.33 -3.54 10.22
C GLN B 263 -13.97 -3.61 8.82
N ASN B 264 -15.24 -3.17 8.70
CA ASN B 264 -15.93 -3.24 7.41
C ASN B 264 -15.37 -2.24 6.37
N VAL B 265 -14.78 -1.10 6.81
CA VAL B 265 -14.14 -0.15 5.87
C VAL B 265 -12.98 -0.87 5.18
N SER B 266 -12.09 -1.50 5.99
CA SER B 266 -10.92 -2.23 5.45
C SER B 266 -11.31 -3.43 4.62
N LEU B 267 -12.37 -4.17 5.01
CA LEU B 267 -12.80 -5.32 4.17
C LEU B 267 -13.29 -4.86 2.80
N SER B 268 -14.05 -3.74 2.76
CA SER B 268 -14.56 -3.17 1.51
CA SER B 268 -14.56 -3.19 1.50
C SER B 268 -13.38 -2.72 0.65
N ILE B 269 -12.37 -2.06 1.26
CA ILE B 269 -11.16 -1.60 0.51
C ILE B 269 -10.42 -2.80 -0.12
N LEU B 270 -10.25 -3.87 0.65
CA LEU B 270 -9.61 -5.11 0.17
C LEU B 270 -10.40 -5.73 -0.96
N LYS B 271 -11.73 -5.79 -0.83
CA LYS B 271 -12.61 -6.34 -1.88
C LYS B 271 -12.43 -5.54 -3.19
N SER B 272 -12.36 -4.19 -3.08
CA SER B 272 -12.20 -3.27 -4.22
C SER B 272 -10.84 -3.38 -4.89
N HIS B 273 -9.76 -3.66 -4.11
CA HIS B 273 -8.45 -3.93 -4.70
C HIS B 273 -8.52 -5.26 -5.51
N GLU B 274 -9.09 -6.30 -4.91
CA GLU B 274 -9.12 -7.65 -5.51
C GLU B 274 -10.01 -7.82 -6.72
N ASN B 275 -11.13 -7.07 -6.82
CA ASN B 275 -12.07 -7.22 -7.94
C ASN B 275 -11.89 -6.20 -9.09
N GLY B 276 -10.85 -5.38 -9.03
CA GLY B 276 -10.61 -4.40 -10.07
C GLY B 276 -11.29 -3.05 -9.91
N PHE B 277 -12.18 -2.90 -8.93
CA PHE B 277 -12.88 -1.62 -8.69
C PHE B 277 -11.90 -0.45 -8.43
N MET B 278 -10.90 -0.66 -7.57
CA MET B 278 -9.92 0.41 -7.27
C MET B 278 -9.05 0.73 -8.48
N GLU B 279 -8.68 -0.31 -9.25
CA GLU B 279 -7.86 -0.13 -10.45
C GLU B 279 -8.67 0.70 -11.48
N ASP B 280 -9.98 0.43 -11.60
CA ASP B 280 -10.89 1.19 -12.47
C ASP B 280 -10.95 2.67 -12.03
N LEU B 281 -11.06 2.94 -10.72
CA LEU B 281 -11.07 4.32 -10.21
C LEU B 281 -9.78 5.02 -10.56
N ASP B 282 -8.65 4.31 -10.38
CA ASP B 282 -7.33 4.85 -10.70
C ASP B 282 -7.23 5.22 -12.17
N LYS B 283 -7.70 4.34 -13.06
CA LYS B 283 -7.72 4.57 -14.50
C LYS B 283 -8.62 5.77 -14.84
N THR B 284 -9.82 5.85 -14.24
CA THR B 284 -10.76 6.94 -14.49
C THR B 284 -10.21 8.34 -14.11
N TRP B 285 -9.64 8.46 -12.90
CA TRP B 285 -9.23 9.73 -12.30
C TRP B 285 -7.76 10.10 -12.26
N VAL B 286 -6.89 9.15 -11.83
CA VAL B 286 -5.47 9.36 -11.53
C VAL B 286 -4.57 9.19 -12.76
N ARG B 287 -4.93 8.29 -13.69
CA ARG B 287 -4.17 8.07 -14.92
C ARG B 287 -4.59 9.10 -15.98
N TYR B 288 -4.68 8.69 -17.27
CA TYR B 288 -5.11 9.46 -18.47
C TYR B 288 -4.40 10.86 -18.60
C ACT C . 3.99 -25.34 17.80
O ACT C . 4.57 -24.43 18.43
OXT ACT C . 4.55 -26.26 17.15
CH3 ACT C . 2.44 -25.33 17.81
N GLU D . 2.03 -14.79 -0.79
CA GLU D . 0.98 -15.70 -1.22
C GLU D . -0.01 -15.98 -0.11
O GLU D . 0.17 -15.43 1.00
CB GLU D . 1.55 -17.02 -1.75
CG GLU D . 1.95 -16.98 -3.23
CD GLU D . 0.83 -16.75 -4.23
OE1 GLU D . 1.02 -15.89 -5.12
OE2 GLU D . -0.17 -17.49 -4.21
OXT GLU D . -0.88 -16.83 -0.31
N GLY E . -1.17 13.45 1.77
CA GLY E . -1.01 14.75 2.45
C GLY E . -1.29 14.58 3.93
O GLY E . -0.95 15.48 4.72
OXT GLY E . -1.82 13.52 4.32
C4 5YE F . 0.32 0.21 0.25
C14 5YE F . -4.11 -3.04 0.60
C5 5YE F . 1.08 0.91 1.25
C6 5YE F . 3.29 0.80 2.44
C11 5YE F . 3.50 2.02 3.28
C7 5YE F . 4.37 -0.01 2.54
C8 5YE F . 2.73 -0.83 0.90
C9 5YE F . 5.57 0.68 3.12
C10 5YE F . 5.03 2.10 3.38
C12 5YE F . -2.07 -2.16 -0.35
C13 5YE F . -3.46 -2.27 -0.34
N1 5YE F . 2.34 0.33 1.55
N2 5YE F . 2.05 -1.46 -0.02
C3 5YE F . 0.82 -0.89 -0.36
F 5YE F . -4.00 -4.37 2.53
C15 5YE F . -3.37 -3.70 1.55
C16 5YE F . -2.00 -3.63 1.58
C17 5YE F . -1.35 -2.86 0.64
N 5YE F . -1.38 -1.44 -1.36
C1 5YE F . -2.11 -0.81 -2.53
C 5YE F . -2.73 0.54 -2.28
C2 5YE F . 0.05 -1.51 -1.50
O 5YE F . 0.74 1.96 1.78
S 5YE F . 4.30 -1.36 1.46
#